data_6K0T
#
_entry.id   6K0T
#
_cell.length_a   44.340
_cell.length_b   54.060
_cell.length_c   70.490
_cell.angle_alpha   94.26
_cell.angle_beta   103.94
_cell.angle_gamma   89.95
#
_symmetry.space_group_name_H-M   'P 1'
#
loop_
_entity.id
_entity.type
_entity.pdbx_description
1 polymer 'Peroxisome proliferator-activated receptor gamma'
2 polymer 'Peroxisome proliferator-activated receptor gamma coactivator 1-alpha'
3 non-polymer 3-[(1~{E})-1-[8-[(8-chloranyl-2-cyclopropyl-imidazo[1,2-a]pyridin-3-yl)methyl]-3-fluoranyl-6~{H}-benzo[c][1]benzoxepin-11-ylidene]ethyl]-4~{H}-1,2,4-oxadiazol-5-one
4 water water
#
loop_
_entity_poly.entity_id
_entity_poly.type
_entity_poly.pdbx_seq_one_letter_code
_entity_poly.pdbx_strand_id
1 'polypeptide(L)'
;GSHMAEISSDIDQLNPESADLRALAKHLYDSYIKSFPLTKAKARAILTGKTTDKSPFVIYDMNSLMMGEDKIKFKHITPL
QEQSKEVAIRIFQG(CME)QFRSVEAVQEITEYAKSIPGFVNLDLNDQVTLLKYGVHEIIYTMLASLMNKDGVLISEGQG
FMTREFLKSLRKPFGDFMEPKFEFAVKFNALELDDSDLAIFIAVIILSGDRPGLLNVKPIEDIQDNLLQALELQLKLNHP
ESSQLFAKLLQKMTDLRQIVTEHVQLLQVIKKTETDMSLHPLLQEIYKDLY
;
A,C
2 'polypeptide(L)' EEPSLLKKLLLA B,D
#
# COMPACT_ATOMS: atom_id res chain seq x y z
N ASN A 15 -11.06 -21.20 15.50
CA ASN A 15 -10.79 -22.66 15.33
C ASN A 15 -10.08 -23.22 16.58
N PRO A 16 -9.98 -24.56 16.73
CA PRO A 16 -9.36 -25.19 17.91
C PRO A 16 -7.88 -24.83 18.14
N GLU A 17 -7.14 -24.49 17.09
CA GLU A 17 -5.71 -24.15 17.22
C GLU A 17 -5.52 -22.68 17.63
N SER A 18 -6.58 -21.87 17.70
CA SER A 18 -6.35 -20.40 17.92
C SER A 18 -5.57 -20.15 19.23
N ALA A 19 -5.97 -20.75 20.36
CA ALA A 19 -5.27 -20.54 21.66
C ALA A 19 -3.80 -20.94 21.53
N ASP A 20 -3.52 -22.08 20.91
CA ASP A 20 -2.13 -22.56 20.72
C ASP A 20 -1.34 -21.58 19.82
N LEU A 21 -1.99 -21.00 18.83
CA LEU A 21 -1.34 -19.97 17.94
C LEU A 21 -1.00 -18.72 18.76
N ARG A 22 -1.80 -18.32 19.75
CA ARG A 22 -1.45 -17.17 20.63
C ARG A 22 -0.25 -17.60 21.51
N ALA A 23 -0.26 -18.83 22.03
CA ALA A 23 0.88 -19.33 22.83
C ALA A 23 2.18 -19.29 21.97
N LEU A 24 2.14 -19.74 20.73
CA LEU A 24 3.33 -19.74 19.82
C LEU A 24 3.76 -18.29 19.58
N ALA A 25 2.79 -17.39 19.35
CA ALA A 25 3.07 -15.95 19.13
C ALA A 25 3.81 -15.36 20.31
N LYS A 26 3.35 -15.67 21.54
CA LYS A 26 4.01 -15.19 22.79
CA LYS A 26 4.00 -15.18 22.79
C LYS A 26 5.40 -15.81 22.89
N HIS A 27 5.51 -17.10 22.66
CA HIS A 27 6.84 -17.77 22.72
C HIS A 27 7.84 -17.09 21.76
N LEU A 28 7.47 -16.84 20.50
CA LEU A 28 8.39 -16.17 19.55
C LEU A 28 8.68 -14.73 20.03
N TYR A 29 7.68 -13.99 20.55
CA TYR A 29 7.95 -12.62 21.04
C TYR A 29 8.99 -12.70 22.19
N ASP A 30 8.81 -13.59 23.18
CA ASP A 30 9.76 -13.73 24.31
C ASP A 30 11.17 -14.09 23.79
N SER A 31 11.26 -15.02 22.86
CA SER A 31 12.56 -15.44 22.27
CA SER A 31 12.57 -15.44 22.29
C SER A 31 13.19 -14.27 21.49
N TYR A 32 12.37 -13.49 20.82
CA TYR A 32 12.86 -12.34 20.03
C TYR A 32 13.49 -11.32 20.97
N ILE A 33 12.85 -11.06 22.12
CA ILE A 33 13.34 -10.10 23.14
C ILE A 33 14.66 -10.62 23.67
N LYS A 34 14.74 -11.93 23.83
CA LYS A 34 15.96 -12.60 24.34
C LYS A 34 17.10 -12.49 23.28
N SER A 35 16.79 -12.50 21.98
CA SER A 35 17.81 -12.66 20.90
C SER A 35 18.32 -11.32 20.37
N PHE A 36 17.49 -10.27 20.42
CA PHE A 36 17.69 -9.01 19.65
C PHE A 36 17.73 -7.84 20.61
N PRO A 37 18.94 -7.40 21.04
CA PRO A 37 19.06 -6.34 22.04
C PRO A 37 18.33 -5.08 21.57
N LEU A 38 18.50 -4.71 20.31
CA LEU A 38 17.97 -3.45 19.75
C LEU A 38 16.67 -3.76 19.01
N THR A 39 15.58 -3.65 19.76
CA THR A 39 14.18 -3.90 19.35
C THR A 39 13.68 -2.68 18.59
N LYS A 40 12.58 -2.81 17.88
CA LYS A 40 11.95 -1.66 17.21
C LYS A 40 11.58 -0.63 18.29
N ALA A 41 10.99 -1.08 19.40
CA ALA A 41 10.53 -0.20 20.50
C ALA A 41 11.72 0.64 20.96
N LYS A 42 12.91 0.06 21.13
CA LYS A 42 14.09 0.85 21.57
C LYS A 42 14.53 1.81 20.47
N ALA A 43 14.56 1.38 19.21
CA ALA A 43 15.03 2.19 18.08
C ALA A 43 14.10 3.40 17.92
N ARG A 44 12.80 3.21 18.05
CA ARG A 44 11.82 4.32 17.92
C ARG A 44 11.96 5.30 19.07
N ALA A 45 12.25 4.83 20.29
CA ALA A 45 12.47 5.68 21.49
C ALA A 45 13.70 6.57 21.25
N ILE A 46 14.77 5.98 20.73
CA ILE A 46 16.04 6.71 20.43
C ILE A 46 15.73 7.73 19.34
N LEU A 47 15.06 7.30 18.28
CA LEU A 47 14.76 8.14 17.09
C LEU A 47 13.79 9.29 17.45
N THR A 48 13.07 9.24 18.58
CA THR A 48 12.12 10.32 19.01
C THR A 48 12.49 10.96 20.37
N GLY A 49 13.74 10.79 20.82
CA GLY A 49 14.26 11.39 22.08
C GLY A 49 13.34 11.12 23.25
N LYS A 50 12.68 9.97 23.28
CA LYS A 50 11.82 9.52 24.39
C LYS A 50 12.66 8.60 25.29
N THR A 51 13.95 8.92 25.42
CA THR A 51 14.95 8.05 26.09
C THR A 51 15.69 8.92 27.10
N THR A 52 16.38 8.30 28.06
CA THR A 52 17.36 8.97 28.95
C THR A 52 18.78 8.47 28.65
N ASP A 53 18.95 7.62 27.62
CA ASP A 53 20.22 7.44 26.86
C ASP A 53 20.72 8.82 26.41
N LYS A 54 22.04 8.95 26.19
CA LYS A 54 22.64 10.11 25.49
C LYS A 54 22.12 10.12 24.03
N SER A 55 21.94 11.31 23.44
CA SER A 55 21.51 11.43 22.02
C SER A 55 22.58 10.75 21.14
N PRO A 56 22.23 10.19 19.97
CA PRO A 56 23.27 9.63 19.08
C PRO A 56 24.08 10.69 18.31
N PHE A 57 25.36 10.38 18.01
CA PHE A 57 26.26 11.21 17.15
C PHE A 57 25.68 11.17 15.72
N VAL A 58 25.70 12.30 15.02
CA VAL A 58 25.10 12.44 13.66
C VAL A 58 26.22 12.51 12.62
N ILE A 59 26.36 11.48 11.77
CA ILE A 59 27.30 11.53 10.61
C ILE A 59 26.52 12.04 9.39
N TYR A 60 26.81 13.27 8.96
CA TYR A 60 26.12 13.97 7.85
C TYR A 60 27.08 14.44 6.75
N ASP A 61 28.40 14.45 6.99
CA ASP A 61 29.39 14.91 5.97
C ASP A 61 30.73 14.20 6.22
N MET A 62 31.77 14.57 5.45
CA MET A 62 33.09 13.91 5.57
C MET A 62 33.71 14.32 6.90
N ASN A 63 33.56 15.61 7.26
CA ASN A 63 34.07 16.20 8.53
C ASN A 63 33.46 15.45 9.71
N SER A 64 32.13 15.23 9.74
CA SER A 64 31.39 14.61 10.87
C SER A 64 31.67 13.10 10.97
N LEU A 65 31.92 12.44 9.84
CA LEU A 65 32.34 11.00 9.80
C LEU A 65 33.71 10.85 10.47
N MET A 66 34.68 11.72 10.15
CA MET A 66 36.03 11.72 10.80
C MET A 66 35.84 11.99 12.29
N MET A 67 35.15 13.08 12.62
CA MET A 67 34.64 13.45 13.98
C MET A 67 34.21 12.18 14.75
N GLY A 68 33.40 11.29 14.13
CA GLY A 68 32.79 10.12 14.78
C GLY A 68 33.55 8.81 14.53
N GLU A 69 34.70 8.89 13.85
CA GLU A 69 35.60 7.75 13.49
C GLU A 69 35.67 6.73 14.64
N ASP A 70 35.81 7.21 15.88
CA ASP A 70 36.04 6.41 17.12
C ASP A 70 34.91 5.38 17.32
N LYS A 71 33.77 5.52 16.63
CA LYS A 71 32.57 4.64 16.80
C LYS A 71 32.11 4.04 15.47
N ILE A 72 33.02 3.42 14.72
CA ILE A 72 32.69 2.57 13.54
C ILE A 72 33.64 1.36 13.51
N LYS A 85 40.15 1.80 2.32
CA LYS A 85 40.77 2.68 1.29
C LYS A 85 39.92 3.96 1.13
N GLU A 86 39.52 4.24 -0.12
CA GLU A 86 38.35 5.06 -0.55
C GLU A 86 37.20 4.97 0.48
N VAL A 87 36.62 6.13 0.81
CA VAL A 87 35.68 6.34 1.96
C VAL A 87 34.44 5.45 1.83
N ALA A 88 33.81 5.40 0.65
CA ALA A 88 32.56 4.64 0.42
C ALA A 88 32.80 3.17 0.75
N ILE A 89 33.97 2.65 0.37
CA ILE A 89 34.34 1.22 0.62
C ILE A 89 34.55 1.04 2.14
N ARG A 90 35.24 1.97 2.81
CA ARG A 90 35.55 1.84 4.26
C ARG A 90 34.24 1.81 5.03
N ILE A 91 33.31 2.68 4.65
CA ILE A 91 31.94 2.76 5.26
C ILE A 91 31.25 1.41 5.08
N PHE A 92 31.18 0.86 3.86
CA PHE A 92 30.42 -0.40 3.59
C PHE A 92 31.19 -1.57 4.23
N GLN A 93 32.54 -1.59 4.16
CA GLN A 93 33.36 -2.64 4.84
C GLN A 93 33.03 -2.63 6.33
N GLY A 94 32.78 -1.45 6.91
CA GLY A 94 32.47 -1.23 8.34
C GLY A 94 31.19 -1.94 8.78
N GLN A 96 30.36 -4.89 8.31
CA GLN A 96 30.60 -6.31 8.52
C GLN A 96 30.41 -6.68 9.98
N PHE A 97 30.84 -5.82 10.91
CA PHE A 97 30.82 -6.15 12.35
C PHE A 97 29.38 -6.32 12.81
N ARG A 98 28.51 -5.41 12.42
CA ARG A 98 27.08 -5.48 12.73
C ARG A 98 26.44 -6.73 12.10
N SER A 99 26.68 -6.99 10.82
CA SER A 99 26.14 -8.19 10.13
C SER A 99 26.61 -9.48 10.82
N VAL A 100 27.88 -9.59 11.28
CA VAL A 100 28.35 -10.81 11.99
C VAL A 100 27.53 -10.97 13.30
N GLU A 101 27.40 -9.91 14.10
CA GLU A 101 26.54 -9.94 15.32
C GLU A 101 25.12 -10.35 14.95
N ALA A 102 24.52 -9.79 13.89
CA ALA A 102 23.12 -10.06 13.47
C ALA A 102 22.93 -11.54 13.13
N VAL A 103 23.89 -12.17 12.43
CA VAL A 103 23.81 -13.59 12.04
C VAL A 103 23.73 -14.41 13.34
N GLN A 104 24.52 -14.04 14.35
CA GLN A 104 24.56 -14.79 15.65
C GLN A 104 23.19 -14.66 16.34
N GLU A 105 22.68 -13.43 16.44
CA GLU A 105 21.34 -13.12 17.01
C GLU A 105 20.28 -13.92 16.26
N ILE A 106 20.31 -13.91 14.92
CA ILE A 106 19.25 -14.56 14.09
C ILE A 106 19.36 -16.07 14.34
N THR A 107 20.57 -16.62 14.39
CA THR A 107 20.81 -18.05 14.67
C THR A 107 20.15 -18.44 16.03
N GLU A 108 20.42 -17.68 17.09
CA GLU A 108 19.80 -17.87 18.44
CA GLU A 108 19.81 -17.91 18.43
C GLU A 108 18.28 -17.85 18.30
N TYR A 109 17.74 -16.86 17.61
CA TYR A 109 16.29 -16.76 17.40
C TYR A 109 15.82 -18.03 16.67
N ALA A 110 16.44 -18.39 15.53
CA ALA A 110 15.97 -19.52 14.71
C ALA A 110 15.86 -20.81 15.56
N LYS A 111 16.83 -21.02 16.45
CA LYS A 111 16.88 -22.24 17.32
C LYS A 111 15.69 -22.21 18.32
N SER A 112 15.09 -21.07 18.59
CA SER A 112 13.93 -21.01 19.51
C SER A 112 12.61 -21.35 18.78
N ILE A 113 12.59 -21.40 17.46
CA ILE A 113 11.36 -21.73 16.67
C ILE A 113 11.10 -23.23 16.81
N PRO A 114 9.96 -23.62 17.39
CA PRO A 114 9.62 -25.03 17.58
C PRO A 114 9.73 -25.80 16.25
N GLY A 115 10.45 -26.92 16.27
CA GLY A 115 10.74 -27.73 15.09
C GLY A 115 12.07 -27.40 14.46
N PHE A 116 12.57 -26.17 14.59
CA PHE A 116 13.78 -25.76 13.84
C PHE A 116 14.93 -26.71 14.17
N VAL A 117 15.27 -26.93 15.44
CA VAL A 117 16.52 -27.71 15.75
C VAL A 117 16.36 -29.20 15.40
N ASN A 118 15.12 -29.67 15.13
CA ASN A 118 14.88 -31.07 14.70
C ASN A 118 15.04 -31.22 13.19
N LEU A 119 15.14 -30.11 12.45
CA LEU A 119 15.36 -30.18 10.98
C LEU A 119 16.74 -30.78 10.72
N ASP A 120 16.91 -31.43 9.57
CA ASP A 120 18.25 -31.77 9.01
C ASP A 120 19.21 -30.58 9.24
N LEU A 121 20.36 -30.83 9.86
CA LEU A 121 21.30 -29.74 10.20
C LEU A 121 21.75 -29.00 8.91
N ASN A 122 21.88 -29.67 7.77
CA ASN A 122 22.28 -28.98 6.52
C ASN A 122 21.15 -28.06 6.05
N ASP A 123 19.89 -28.44 6.26
CA ASP A 123 18.73 -27.58 5.94
C ASP A 123 18.73 -26.39 6.91
N GLN A 124 19.10 -26.54 8.17
CA GLN A 124 19.17 -25.37 9.10
C GLN A 124 20.22 -24.38 8.57
N VAL A 125 21.39 -24.87 8.09
CA VAL A 125 22.47 -23.99 7.54
C VAL A 125 21.87 -23.24 6.33
N THR A 126 21.23 -23.95 5.42
CA THR A 126 20.65 -23.38 4.18
C THR A 126 19.66 -22.26 4.54
N LEU A 127 18.74 -22.56 5.43
CA LEU A 127 17.73 -21.55 5.83
C LEU A 127 18.44 -20.31 6.42
N LEU A 128 19.48 -20.49 7.24
CA LEU A 128 20.20 -19.33 7.80
C LEU A 128 20.93 -18.60 6.69
N LYS A 129 21.60 -19.34 5.79
CA LYS A 129 22.45 -18.73 4.74
C LYS A 129 21.58 -17.81 3.85
N TYR A 130 20.41 -18.28 3.41
CA TYR A 130 19.56 -17.56 2.43
C TYR A 130 18.60 -16.61 3.14
N GLY A 131 18.46 -16.73 4.46
CA GLY A 131 17.49 -15.92 5.20
C GLY A 131 18.08 -14.71 5.94
N VAL A 132 19.34 -14.73 6.35
CA VAL A 132 19.88 -13.71 7.30
C VAL A 132 19.77 -12.30 6.72
N HIS A 133 20.11 -12.09 5.45
CA HIS A 133 20.14 -10.70 4.88
C HIS A 133 18.71 -10.16 4.84
N GLU A 134 17.72 -11.02 4.55
CA GLU A 134 16.32 -10.56 4.47
C GLU A 134 15.91 -10.09 5.87
N ILE A 135 16.38 -10.76 6.92
CA ILE A 135 16.04 -10.40 8.32
C ILE A 135 16.83 -9.14 8.65
N ILE A 136 18.07 -9.02 8.21
CA ILE A 136 18.89 -7.83 8.55
C ILE A 136 18.21 -6.59 7.95
N TYR A 137 17.70 -6.68 6.71
CA TYR A 137 17.05 -5.51 6.05
C TYR A 137 15.70 -5.22 6.73
N THR A 138 15.03 -6.27 7.20
CA THR A 138 13.74 -6.15 7.94
C THR A 138 14.01 -5.34 9.22
N MET A 139 15.01 -5.73 10.02
CA MET A 139 15.26 -5.08 11.33
C MET A 139 15.90 -3.72 11.09
N LEU A 140 16.62 -3.54 9.96
CA LEU A 140 17.21 -2.24 9.58
C LEU A 140 16.08 -1.21 9.37
N ALA A 141 14.93 -1.64 8.85
CA ALA A 141 13.77 -0.75 8.61
C ALA A 141 13.37 -0.15 9.94
N SER A 142 13.47 -0.91 11.02
CA SER A 142 13.17 -0.41 12.38
C SER A 142 14.13 0.70 12.82
N LEU A 143 15.35 0.75 12.27
CA LEU A 143 16.43 1.71 12.64
C LEU A 143 16.40 2.91 11.69
N MET A 144 15.48 2.90 10.72
CA MET A 144 15.43 3.94 9.67
C MET A 144 14.22 4.84 9.84
N ASN A 145 14.38 6.11 9.49
CA ASN A 145 13.26 7.03 9.20
C ASN A 145 13.55 7.69 7.84
N LYS A 146 12.72 8.64 7.39
CA LYS A 146 12.93 9.28 6.07
C LYS A 146 14.24 10.07 6.06
N ASP A 147 14.86 10.35 7.22
CA ASP A 147 16.06 11.24 7.31
C ASP A 147 17.37 10.43 7.37
N GLY A 148 17.38 9.18 7.84
CA GLY A 148 18.64 8.45 8.05
C GLY A 148 18.45 7.20 8.89
N VAL A 149 19.56 6.56 9.25
CA VAL A 149 19.62 5.18 9.83
C VAL A 149 20.45 5.20 11.13
N LEU A 150 19.96 4.52 12.17
CA LEU A 150 20.71 4.28 13.43
C LEU A 150 21.83 3.26 13.10
N ILE A 151 23.06 3.58 13.49
CA ILE A 151 24.28 2.73 13.33
C ILE A 151 24.92 2.56 14.71
N SER A 152 25.94 1.70 14.82
CA SER A 152 26.75 1.42 16.04
C SER A 152 25.84 1.15 17.25
N GLU A 153 25.04 0.09 17.20
CA GLU A 153 24.13 -0.36 18.30
C GLU A 153 23.31 0.83 18.82
N GLY A 154 23.03 1.81 17.96
CA GLY A 154 22.07 2.89 18.23
C GLY A 154 22.71 4.16 18.75
N GLN A 155 24.03 4.27 18.67
CA GLN A 155 24.76 5.44 19.22
C GLN A 155 25.06 6.42 18.08
N GLY A 156 24.85 6.01 16.83
CA GLY A 156 25.11 6.87 15.67
C GLY A 156 23.87 7.00 14.83
N PHE A 157 23.74 8.13 14.14
CA PHE A 157 22.73 8.39 13.10
C PHE A 157 23.47 8.90 11.87
N MET A 158 23.39 8.13 10.79
CA MET A 158 24.03 8.50 9.49
C MET A 158 22.89 8.97 8.59
N THR A 159 22.99 10.17 8.04
CA THR A 159 21.89 10.81 7.27
C THR A 159 21.73 10.10 5.91
N ARG A 160 20.49 9.94 5.45
CA ARG A 160 20.16 9.51 4.07
C ARG A 160 20.98 10.35 3.08
N GLU A 161 20.96 11.66 3.29
CA GLU A 161 21.62 12.68 2.44
C GLU A 161 23.10 12.33 2.27
N PHE A 162 23.77 12.01 3.37
CA PHE A 162 25.23 11.72 3.36
C PHE A 162 25.46 10.44 2.52
N LEU A 163 24.63 9.43 2.75
CA LEU A 163 24.66 8.17 1.97
C LEU A 163 24.41 8.45 0.48
N LYS A 164 23.50 9.39 0.15
CA LYS A 164 23.15 9.78 -1.26
C LYS A 164 24.37 10.36 -1.98
N SER A 165 25.35 10.91 -1.23
CA SER A 165 26.51 11.69 -1.71
C SER A 165 27.72 10.82 -2.04
N LEU A 166 27.75 9.55 -1.64
CA LEU A 166 28.92 8.65 -1.87
C LEU A 166 29.03 8.39 -3.38
N ARG A 167 30.24 8.10 -3.88
CA ARG A 167 30.48 7.90 -5.34
C ARG A 167 29.64 6.71 -5.83
N LYS A 168 29.26 6.75 -7.10
CA LYS A 168 28.49 5.67 -7.78
C LYS A 168 29.34 4.40 -7.71
N PRO A 169 28.77 3.19 -7.55
CA PRO A 169 27.34 2.98 -7.36
C PRO A 169 26.77 3.14 -5.94
N PHE A 170 27.62 3.47 -4.98
CA PHE A 170 27.26 3.53 -3.54
C PHE A 170 26.20 4.60 -3.31
N GLY A 171 26.34 5.77 -3.94
CA GLY A 171 25.38 6.89 -3.82
C GLY A 171 23.93 6.47 -4.07
N ASP A 172 23.68 5.56 -5.02
CA ASP A 172 22.31 5.13 -5.41
C ASP A 172 21.82 3.97 -4.55
N PHE A 173 22.69 3.33 -3.76
CA PHE A 173 22.41 1.97 -3.25
C PHE A 173 21.37 2.02 -2.12
N MET A 174 21.49 2.93 -1.14
CA MET A 174 20.66 2.91 0.09
C MET A 174 19.30 3.58 -0.18
N GLU A 175 19.19 4.45 -1.20
CA GLU A 175 17.93 5.18 -1.53
C GLU A 175 16.73 4.23 -1.52
N PRO A 176 16.70 3.18 -2.38
CA PRO A 176 15.60 2.21 -2.36
C PRO A 176 15.45 1.45 -1.04
N LYS A 177 16.49 1.38 -0.22
CA LYS A 177 16.35 0.74 1.13
C LYS A 177 15.53 1.71 1.99
N PHE A 178 15.84 3.01 1.95
CA PHE A 178 15.08 4.03 2.72
C PHE A 178 13.60 4.03 2.32
N GLU A 179 13.31 3.98 1.01
CA GLU A 179 11.94 3.90 0.44
C GLU A 179 11.23 2.65 0.92
N PHE A 180 11.92 1.50 0.91
CA PHE A 180 11.31 0.25 1.46
C PHE A 180 10.93 0.51 2.92
N ALA A 181 11.78 1.18 3.70
CA ALA A 181 11.64 1.32 5.17
C ALA A 181 10.45 2.20 5.49
N VAL A 182 10.39 3.36 4.86
CA VAL A 182 9.26 4.32 5.01
C VAL A 182 7.95 3.55 4.78
N LYS A 183 7.87 2.76 3.70
CA LYS A 183 6.63 2.00 3.34
C LYS A 183 6.41 0.91 4.39
N PHE A 184 7.46 0.25 4.85
CA PHE A 184 7.36 -0.88 5.80
C PHE A 184 6.90 -0.32 7.14
N ASN A 185 7.55 0.77 7.58
CA ASN A 185 7.26 1.46 8.86
C ASN A 185 5.81 1.99 8.85
N ALA A 186 5.29 2.40 7.70
CA ALA A 186 3.90 2.92 7.62
C ALA A 186 2.91 1.80 7.96
N LEU A 187 3.35 0.55 8.03
CA LEU A 187 2.43 -0.57 8.39
C LEU A 187 2.28 -0.66 9.90
N GLU A 188 3.11 0.06 10.66
CA GLU A 188 2.97 0.26 12.14
C GLU A 188 3.07 -1.11 12.83
N LEU A 189 3.92 -2.01 12.34
CA LEU A 189 4.15 -3.29 13.03
C LEU A 189 4.87 -3.01 14.36
N ASP A 190 4.64 -3.85 15.37
CA ASP A 190 5.36 -3.82 16.65
C ASP A 190 6.23 -5.10 16.72
N ASP A 191 7.04 -5.18 17.77
CA ASP A 191 8.03 -6.26 18.00
C ASP A 191 7.28 -7.60 18.01
N SER A 192 6.06 -7.67 18.57
CA SER A 192 5.24 -8.92 18.62
CA SER A 192 5.25 -8.92 18.63
C SER A 192 4.93 -9.38 17.19
N ASP A 193 4.59 -8.44 16.31
CA ASP A 193 4.29 -8.72 14.90
C ASP A 193 5.56 -9.22 14.23
N LEU A 194 6.64 -8.44 14.40
CA LEU A 194 7.94 -8.70 13.74
C LEU A 194 8.49 -10.08 14.11
N ALA A 195 8.36 -10.53 15.36
CA ALA A 195 8.90 -11.85 15.82
C ALA A 195 8.37 -12.95 14.91
N ILE A 196 7.07 -12.90 14.60
CA ILE A 196 6.38 -13.98 13.82
C ILE A 196 6.76 -13.78 12.35
N PHE A 197 6.77 -12.53 11.87
CA PHE A 197 7.15 -12.21 10.47
C PHE A 197 8.54 -12.78 10.20
N ILE A 198 9.47 -12.55 11.10
CA ILE A 198 10.87 -13.02 10.92
C ILE A 198 10.88 -14.56 10.95
N ALA A 199 10.07 -15.19 11.80
CA ALA A 199 10.03 -16.68 11.90
C ALA A 199 9.54 -17.25 10.56
N VAL A 200 8.51 -16.62 9.97
CA VAL A 200 7.98 -17.03 8.65
C VAL A 200 9.10 -16.95 7.61
N ILE A 201 9.86 -15.86 7.58
CA ILE A 201 10.94 -15.72 6.56
C ILE A 201 12.00 -16.80 6.73
N ILE A 202 12.44 -17.04 7.95
CA ILE A 202 13.45 -18.10 8.21
C ILE A 202 12.95 -19.43 7.62
N LEU A 203 11.71 -19.80 7.87
CA LEU A 203 11.19 -21.13 7.47
C LEU A 203 10.71 -21.07 6.02
N SER A 204 11.53 -20.57 5.09
CA SER A 204 11.20 -20.54 3.64
C SER A 204 11.60 -21.86 2.96
N GLY A 205 10.63 -22.59 2.44
CA GLY A 205 10.83 -23.90 1.84
C GLY A 205 11.38 -23.85 0.42
N ASP A 206 11.55 -22.66 -0.16
CA ASP A 206 12.05 -22.56 -1.56
C ASP A 206 13.53 -22.17 -1.63
N ARG A 207 14.26 -22.15 -0.52
CA ARG A 207 15.71 -21.78 -0.55
C ARG A 207 16.43 -22.83 -1.39
N PRO A 208 17.47 -22.42 -2.13
CA PRO A 208 18.24 -23.32 -2.96
C PRO A 208 18.86 -24.43 -2.09
N GLY A 209 18.69 -25.65 -2.54
CA GLY A 209 19.45 -26.81 -2.06
C GLY A 209 18.85 -27.44 -0.83
N LEU A 210 17.62 -27.09 -0.41
CA LEU A 210 16.98 -27.75 0.75
C LEU A 210 16.73 -29.20 0.37
N LEU A 211 16.99 -30.11 1.32
CA LEU A 211 16.97 -31.57 1.13
C LEU A 211 15.59 -32.11 1.48
N ASN A 212 14.91 -31.51 2.46
CA ASN A 212 13.58 -31.98 2.94
C ASN A 212 12.64 -30.77 3.14
N VAL A 213 11.86 -30.46 2.12
CA VAL A 213 11.10 -29.18 2.09
C VAL A 213 9.80 -29.34 2.89
N LYS A 214 9.18 -30.51 2.89
CA LYS A 214 7.85 -30.74 3.55
C LYS A 214 7.86 -30.28 5.01
N PRO A 215 8.80 -30.76 5.88
CA PRO A 215 8.77 -30.36 7.28
C PRO A 215 8.92 -28.85 7.44
N ILE A 216 9.72 -28.22 6.59
CA ILE A 216 9.98 -26.76 6.66
C ILE A 216 8.65 -26.05 6.33
N GLU A 217 7.98 -26.43 5.24
CA GLU A 217 6.68 -25.81 4.87
C GLU A 217 5.62 -26.12 5.93
N ASP A 218 5.68 -27.28 6.59
CA ASP A 218 4.71 -27.56 7.68
C ASP A 218 4.87 -26.53 8.81
N ILE A 219 6.08 -26.29 9.31
CA ILE A 219 6.35 -25.27 10.36
C ILE A 219 5.96 -23.89 9.82
N GLN A 220 6.34 -23.57 8.61
CA GLN A 220 6.01 -22.25 8.03
C GLN A 220 4.47 -22.07 8.01
N ASP A 221 3.70 -23.07 7.63
CA ASP A 221 2.23 -22.98 7.47
C ASP A 221 1.61 -22.59 8.84
N ASN A 222 2.07 -23.23 9.91
CA ASN A 222 1.60 -22.96 11.27
C ASN A 222 2.03 -21.53 11.69
N LEU A 223 3.27 -21.11 11.37
CA LEU A 223 3.76 -19.73 11.64
C LEU A 223 2.91 -18.70 10.87
N LEU A 224 2.57 -18.98 9.64
CA LEU A 224 1.66 -18.10 8.85
C LEU A 224 0.28 -18.00 9.52
N GLN A 225 -0.30 -19.11 10.00
CA GLN A 225 -1.59 -19.07 10.74
C GLN A 225 -1.43 -18.19 11.99
N ALA A 226 -0.32 -18.33 12.71
CA ALA A 226 -0.02 -17.55 13.92
C ALA A 226 0.11 -16.07 13.52
N LEU A 227 0.70 -15.76 12.36
CA LEU A 227 0.89 -14.36 11.92
C LEU A 227 -0.46 -13.79 11.57
N GLU A 228 -1.23 -14.53 10.81
CA GLU A 228 -2.55 -14.08 10.34
C GLU A 228 -3.34 -13.67 11.59
N LEU A 229 -3.33 -14.52 12.64
CA LEU A 229 -4.14 -14.26 13.87
C LEU A 229 -3.54 -13.07 14.63
N GLN A 230 -2.21 -12.99 14.73
CA GLN A 230 -1.51 -11.84 15.39
C GLN A 230 -2.01 -10.52 14.77
N LEU A 231 -1.99 -10.42 13.45
CA LEU A 231 -2.38 -9.19 12.72
C LEU A 231 -3.87 -8.89 12.89
N LYS A 232 -4.73 -9.90 12.85
CA LYS A 232 -6.21 -9.72 13.01
C LYS A 232 -6.47 -9.14 14.41
N LEU A 233 -5.75 -9.60 15.45
CA LEU A 233 -6.07 -9.18 16.84
C LEU A 233 -5.33 -7.88 17.19
N ASN A 234 -4.11 -7.73 16.68
CA ASN A 234 -3.22 -6.60 17.05
C ASN A 234 -3.49 -5.40 16.10
N HIS A 235 -4.08 -5.60 14.92
CA HIS A 235 -4.30 -4.51 13.92
C HIS A 235 -5.71 -4.67 13.37
N PRO A 236 -6.74 -4.59 14.22
CA PRO A 236 -8.08 -5.01 13.81
C PRO A 236 -8.62 -4.09 12.70
N GLU A 237 -8.11 -2.86 12.55
CA GLU A 237 -8.65 -1.91 11.53
CA GLU A 237 -8.63 -1.89 11.55
C GLU A 237 -7.66 -1.77 10.36
N SER A 238 -6.66 -2.66 10.25
CA SER A 238 -5.63 -2.61 9.19
C SER A 238 -5.90 -3.65 8.10
N SER A 239 -6.69 -3.22 7.12
CA SER A 239 -7.30 -4.03 6.03
C SER A 239 -6.17 -4.70 5.21
N GLN A 240 -6.24 -6.02 5.04
CA GLN A 240 -5.30 -6.80 4.19
C GLN A 240 -3.86 -6.63 4.65
N LEU A 241 -3.64 -6.46 5.97
CA LEU A 241 -2.26 -6.25 6.49
C LEU A 241 -1.46 -7.53 6.23
N PHE A 242 -2.07 -8.69 6.41
CA PHE A 242 -1.39 -10.00 6.15
C PHE A 242 -0.90 -10.05 4.68
N ALA A 243 -1.76 -9.76 3.73
CA ALA A 243 -1.41 -9.79 2.30
C ALA A 243 -0.26 -8.80 2.05
N LYS A 244 -0.30 -7.63 2.68
CA LYS A 244 0.73 -6.58 2.49
C LYS A 244 2.04 -7.11 3.04
N LEU A 245 2.02 -7.82 4.16
CA LEU A 245 3.25 -8.39 4.76
C LEU A 245 3.88 -9.47 3.87
N LEU A 246 3.08 -10.34 3.27
CA LEU A 246 3.60 -11.38 2.33
C LEU A 246 4.30 -10.70 1.17
N GLN A 247 3.77 -9.55 0.71
CA GLN A 247 4.34 -8.81 -0.44
C GLN A 247 5.69 -8.21 -0.03
N LYS A 248 5.82 -7.75 1.21
CA LYS A 248 7.10 -7.22 1.76
C LYS A 248 8.18 -8.31 1.74
N MET A 249 7.80 -9.57 1.93
CA MET A 249 8.79 -10.69 1.87
C MET A 249 9.32 -10.79 0.45
N THR A 250 8.49 -10.53 -0.56
CA THR A 250 8.92 -10.48 -1.99
C THR A 250 9.89 -9.30 -2.18
N ASP A 251 9.53 -8.13 -1.66
CA ASP A 251 10.31 -6.85 -1.74
C ASP A 251 11.69 -7.11 -1.13
N LEU A 252 11.76 -7.88 -0.02
CA LEU A 252 13.02 -8.11 0.74
C LEU A 252 13.94 -8.99 -0.10
N ARG A 253 13.40 -9.92 -0.87
CA ARG A 253 14.26 -10.78 -1.74
C ARG A 253 14.89 -9.91 -2.85
N GLN A 254 14.16 -8.96 -3.42
CA GLN A 254 14.74 -8.08 -4.46
C GLN A 254 15.86 -7.26 -3.82
N ILE A 255 15.64 -6.75 -2.62
CA ILE A 255 16.65 -5.94 -1.88
C ILE A 255 17.93 -6.77 -1.72
N VAL A 256 17.80 -8.06 -1.38
CA VAL A 256 18.99 -8.93 -1.12
C VAL A 256 19.70 -9.16 -2.45
N THR A 257 18.97 -9.43 -3.53
CA THR A 257 19.54 -9.54 -4.90
C THR A 257 20.39 -8.28 -5.18
N GLU A 258 19.90 -7.10 -4.84
CA GLU A 258 20.62 -5.84 -5.16
C GLU A 258 21.84 -5.74 -4.26
N HIS A 259 21.70 -6.10 -2.99
CA HIS A 259 22.83 -6.15 -2.01
C HIS A 259 23.99 -6.96 -2.61
N VAL A 260 23.67 -8.18 -3.06
CA VAL A 260 24.69 -9.13 -3.60
C VAL A 260 25.30 -8.56 -4.88
N GLN A 261 24.48 -7.93 -5.74
CA GLN A 261 24.92 -7.38 -7.05
C GLN A 261 25.96 -6.26 -6.82
N LEU A 262 25.86 -5.53 -5.71
CA LEU A 262 26.82 -4.44 -5.41
C LEU A 262 28.19 -5.04 -5.03
N LEU A 263 28.26 -6.03 -4.12
CA LEU A 263 29.57 -6.62 -3.70
C LEU A 263 30.26 -7.18 -4.96
N GLN A 264 29.46 -7.79 -5.84
CA GLN A 264 29.84 -8.40 -7.14
C GLN A 264 30.47 -7.34 -8.07
N VAL A 265 29.81 -6.20 -8.22
CA VAL A 265 30.25 -5.05 -9.08
C VAL A 265 31.60 -4.53 -8.55
N ILE A 266 31.72 -4.31 -7.23
CA ILE A 266 32.92 -3.64 -6.65
C ILE A 266 34.08 -4.64 -6.65
N LYS A 267 33.78 -5.92 -6.44
CA LYS A 267 34.81 -6.98 -6.41
C LYS A 267 35.40 -7.20 -7.81
N LYS A 268 34.82 -6.60 -8.85
CA LYS A 268 35.40 -6.63 -10.22
C LYS A 268 36.61 -5.67 -10.28
N THR A 269 36.59 -4.55 -9.55
CA THR A 269 37.70 -3.56 -9.54
C THR A 269 38.54 -3.67 -8.25
N GLU A 270 37.94 -3.89 -7.08
CA GLU A 270 38.66 -3.97 -5.78
C GLU A 270 38.89 -5.44 -5.43
N THR A 271 40.11 -5.95 -5.64
CA THR A 271 40.45 -7.40 -5.51
C THR A 271 40.72 -7.76 -4.04
N ASP A 272 41.43 -6.91 -3.29
CA ASP A 272 42.07 -7.24 -1.99
C ASP A 272 41.11 -7.11 -0.80
N MET A 273 39.78 -7.19 -1.03
CA MET A 273 38.75 -6.74 -0.06
C MET A 273 38.61 -7.74 1.08
N SER A 274 38.62 -7.28 2.33
CA SER A 274 38.47 -8.16 3.52
C SER A 274 37.01 -8.64 3.63
N LEU A 275 36.81 -9.90 4.01
CA LEU A 275 35.47 -10.48 4.27
C LEU A 275 35.57 -11.42 5.47
N HIS A 276 34.87 -11.10 6.56
CA HIS A 276 34.72 -11.97 7.75
C HIS A 276 34.36 -13.39 7.30
N PRO A 277 35.04 -14.44 7.81
CA PRO A 277 34.75 -15.83 7.43
C PRO A 277 33.28 -16.23 7.41
N LEU A 278 32.51 -15.72 8.37
CA LEU A 278 31.09 -16.11 8.55
C LEU A 278 30.29 -15.54 7.36
N LEU A 279 30.56 -14.29 7.00
CA LEU A 279 30.03 -13.65 5.77
C LEU A 279 30.52 -14.40 4.51
N GLN A 280 31.80 -14.81 4.46
CA GLN A 280 32.34 -15.61 3.33
C GLN A 280 31.41 -16.81 3.13
N GLU A 281 30.94 -17.47 4.20
CA GLU A 281 30.09 -18.68 4.07
C GLU A 281 28.72 -18.26 3.54
N ILE A 282 28.15 -17.18 4.07
CA ILE A 282 26.80 -16.71 3.65
C ILE A 282 26.84 -16.35 2.15
N TYR A 283 27.90 -15.72 1.68
CA TYR A 283 28.04 -15.19 0.29
C TYR A 283 28.44 -16.29 -0.70
N LYS A 284 29.10 -17.37 -0.25
CA LYS A 284 29.54 -18.46 -1.15
C LYS A 284 28.41 -18.88 -2.11
N ASP A 285 28.73 -19.04 -3.38
CA ASP A 285 27.90 -19.76 -4.41
C ASP A 285 26.81 -18.84 -4.99
N LEU A 286 26.57 -17.65 -4.42
CA LEU A 286 25.72 -16.60 -5.04
C LEU A 286 26.45 -16.00 -6.24
N TYR A 287 27.72 -16.41 -6.48
CA TYR A 287 28.71 -15.81 -7.41
C TYR A 287 28.45 -16.25 -8.86
N PRO B 3 34.57 -26.31 6.53
CA PRO B 3 34.36 -26.20 7.99
C PRO B 3 33.34 -25.10 8.36
N SER B 4 32.08 -25.46 8.66
CA SER B 4 30.94 -24.50 8.67
C SER B 4 30.86 -23.74 10.01
N LEU B 5 31.00 -22.42 9.94
CA LEU B 5 30.79 -21.49 11.08
C LEU B 5 29.30 -21.45 11.41
N LEU B 6 28.40 -21.50 10.43
CA LEU B 6 26.93 -21.54 10.71
C LEU B 6 26.62 -22.81 11.53
N LYS B 7 27.18 -23.97 11.14
CA LYS B 7 26.98 -25.23 11.92
C LYS B 7 27.45 -25.04 13.34
N LYS B 8 28.61 -24.42 13.54
CA LYS B 8 29.11 -24.24 14.92
C LYS B 8 28.10 -23.40 15.69
N LEU B 9 27.54 -22.33 15.09
CA LEU B 9 26.54 -21.49 15.80
C LEU B 9 25.28 -22.30 16.09
N LEU B 10 24.88 -23.14 15.14
CA LEU B 10 23.65 -23.92 15.23
C LEU B 10 23.73 -24.93 16.36
N LEU B 11 24.91 -25.46 16.65
CA LEU B 11 25.10 -26.60 17.58
C LEU B 11 25.42 -26.10 18.99
N ALA B 12 25.55 -24.79 19.21
CA ALA B 12 26.08 -24.30 20.51
C ALA B 12 24.93 -24.21 21.52
N ASN C 15 10.85 26.93 -14.61
CA ASN C 15 10.67 25.45 -14.62
C ASN C 15 10.56 24.96 -16.05
N PRO C 16 11.52 24.14 -16.55
CA PRO C 16 11.52 23.63 -17.93
C PRO C 16 10.32 22.75 -18.30
N GLU C 17 9.71 22.09 -17.31
CA GLU C 17 8.57 21.18 -17.53
C GLU C 17 7.21 21.88 -17.48
N SER C 18 7.14 23.17 -17.14
CA SER C 18 5.78 23.77 -16.95
C SER C 18 4.95 23.57 -18.22
N ALA C 19 5.53 23.82 -19.40
CA ALA C 19 4.83 23.78 -20.69
C ALA C 19 4.30 22.36 -20.91
N ASP C 20 5.15 21.35 -20.73
CA ASP C 20 4.77 19.92 -20.83
C ASP C 20 3.67 19.58 -19.83
N LEU C 21 3.72 20.16 -18.62
CA LEU C 21 2.69 19.88 -17.59
C LEU C 21 1.33 20.45 -18.06
N ARG C 22 1.31 21.57 -18.77
CA ARG C 22 0.05 22.07 -19.38
C ARG C 22 -0.41 21.08 -20.47
N ALA C 23 0.49 20.59 -21.34
CA ALA C 23 0.15 19.62 -22.40
C ALA C 23 -0.47 18.36 -21.77
N LEU C 24 0.12 17.87 -20.67
CA LEU C 24 -0.39 16.67 -19.96
C LEU C 24 -1.79 16.99 -19.42
N ALA C 25 -1.95 18.19 -18.84
CA ALA C 25 -3.24 18.59 -18.23
C ALA C 25 -4.30 18.59 -19.32
N LYS C 26 -4.02 19.18 -20.49
CA LYS C 26 -4.95 19.24 -21.65
CA LYS C 26 -4.96 19.23 -21.63
C LYS C 26 -5.23 17.80 -22.17
N HIS C 27 -4.20 16.99 -22.31
CA HIS C 27 -4.35 15.56 -22.75
C HIS C 27 -5.30 14.79 -21.81
N LEU C 28 -5.14 14.92 -20.49
CA LEU C 28 -6.06 14.27 -19.50
C LEU C 28 -7.49 14.86 -19.65
N TYR C 29 -7.64 16.17 -19.85
CA TYR C 29 -8.99 16.76 -19.97
C TYR C 29 -9.67 16.20 -21.22
N ASP C 30 -8.96 16.18 -22.37
CA ASP C 30 -9.48 15.65 -23.66
C ASP C 30 -9.92 14.19 -23.44
N SER C 31 -9.12 13.40 -22.72
CA SER C 31 -9.37 11.96 -22.46
CA SER C 31 -9.39 11.96 -22.49
C SER C 31 -10.55 11.80 -21.50
N TYR C 32 -10.65 12.69 -20.53
CA TYR C 32 -11.77 12.71 -19.55
C TYR C 32 -13.10 12.93 -20.29
N ILE C 33 -13.13 13.91 -21.22
CA ILE C 33 -14.33 14.24 -22.03
C ILE C 33 -14.74 13.02 -22.86
N LYS C 34 -13.77 12.37 -23.50
CA LYS C 34 -13.97 11.14 -24.32
C LYS C 34 -14.49 9.98 -23.45
N SER C 35 -14.06 9.89 -22.20
CA SER C 35 -14.28 8.69 -21.33
C SER C 35 -15.57 8.82 -20.51
N PHE C 36 -15.97 10.04 -20.12
CA PHE C 36 -17.05 10.30 -19.14
C PHE C 36 -18.12 11.17 -19.78
N PRO C 37 -19.25 10.58 -20.28
CA PRO C 37 -20.32 11.35 -20.92
C PRO C 37 -21.00 12.37 -19.99
N LEU C 38 -21.24 12.01 -18.73
CA LEU C 38 -21.90 12.90 -17.73
C LEU C 38 -20.81 13.63 -16.93
N THR C 39 -20.36 14.77 -17.45
CA THR C 39 -19.32 15.65 -16.89
C THR C 39 -19.94 16.50 -15.78
N LYS C 40 -19.11 17.13 -14.95
CA LYS C 40 -19.62 18.08 -13.93
C LYS C 40 -20.38 19.21 -14.63
N ALA C 41 -19.80 19.77 -15.69
CA ALA C 41 -20.42 20.88 -16.48
C ALA C 41 -21.84 20.46 -16.89
N LYS C 42 -22.02 19.25 -17.42
CA LYS C 42 -23.39 18.80 -17.80
C LYS C 42 -24.27 18.61 -16.56
N ALA C 43 -23.76 18.01 -15.48
CA ALA C 43 -24.58 17.75 -14.28
C ALA C 43 -25.01 19.08 -13.59
N ARG C 44 -24.15 20.10 -13.56
CA ARG C 44 -24.51 21.40 -12.93
CA ARG C 44 -24.46 21.44 -12.98
C ARG C 44 -25.54 22.12 -13.83
N ALA C 45 -25.44 21.98 -15.16
CA ALA C 45 -26.47 22.46 -16.11
C ALA C 45 -27.83 21.84 -15.72
N ILE C 46 -27.88 20.52 -15.57
CA ILE C 46 -29.16 19.79 -15.29
C ILE C 46 -29.63 20.22 -13.89
N LEU C 47 -28.72 20.40 -12.94
CA LEU C 47 -29.09 20.71 -11.54
C LEU C 47 -29.58 22.16 -11.47
N THR C 48 -29.13 23.02 -12.39
CA THR C 48 -29.51 24.45 -12.42
C THR C 48 -30.52 24.75 -13.54
N GLY C 49 -31.09 23.73 -14.17
CA GLY C 49 -32.11 23.92 -15.22
C GLY C 49 -31.66 24.85 -16.33
N LYS C 50 -30.43 24.70 -16.83
CA LYS C 50 -29.92 25.55 -17.94
C LYS C 50 -29.81 24.75 -19.24
N THR C 51 -30.31 23.51 -19.27
CA THR C 51 -30.19 22.66 -20.48
C THR C 51 -31.47 22.82 -21.29
N THR C 52 -31.46 22.42 -22.56
CA THR C 52 -32.67 22.30 -23.42
C THR C 52 -33.55 21.15 -22.87
N ASP C 53 -32.90 20.09 -22.35
CA ASP C 53 -33.52 18.82 -21.88
C ASP C 53 -34.65 19.09 -20.87
N LYS C 54 -35.34 18.02 -20.48
CA LYS C 54 -36.59 18.04 -19.66
C LYS C 54 -36.20 17.87 -18.19
N SER C 55 -36.93 18.54 -17.29
CA SER C 55 -36.63 18.52 -15.84
C SER C 55 -36.47 17.08 -15.40
N PRO C 56 -35.42 16.72 -14.62
CA PRO C 56 -35.24 15.34 -14.19
C PRO C 56 -36.45 14.87 -13.38
N PHE C 57 -36.90 13.62 -13.55
CA PHE C 57 -37.97 13.05 -12.70
C PHE C 57 -37.44 12.95 -11.27
N VAL C 58 -38.32 13.18 -10.29
CA VAL C 58 -37.93 13.36 -8.86
C VAL C 58 -38.48 12.20 -8.01
N ILE C 59 -37.59 11.52 -7.27
CA ILE C 59 -37.92 10.41 -6.34
C ILE C 59 -37.71 10.90 -4.90
N TYR C 60 -38.82 11.13 -4.19
CA TYR C 60 -38.87 11.84 -2.88
C TYR C 60 -39.60 11.01 -1.83
N ASP C 61 -40.39 10.01 -2.23
CA ASP C 61 -41.19 9.17 -1.30
C ASP C 61 -41.36 7.78 -1.91
N MET C 62 -42.14 6.92 -1.24
CA MET C 62 -42.40 5.53 -1.67
C MET C 62 -43.20 5.55 -2.97
N ASN C 63 -44.21 6.43 -3.05
CA ASN C 63 -45.08 6.64 -4.24
C ASN C 63 -44.24 7.06 -5.44
N SER C 64 -43.42 8.11 -5.31
CA SER C 64 -42.69 8.75 -6.44
C SER C 64 -41.68 7.76 -7.03
N LEU C 65 -41.04 6.94 -6.18
CA LEU C 65 -40.17 5.79 -6.59
C LEU C 65 -40.94 4.91 -7.60
N MET C 66 -42.07 4.29 -7.19
CA MET C 66 -42.90 3.38 -8.02
C MET C 66 -43.02 3.98 -9.42
N MET C 67 -43.37 5.26 -9.52
CA MET C 67 -43.60 6.00 -10.79
C MET C 67 -42.31 6.07 -11.62
N GLY C 68 -41.17 6.34 -10.98
CA GLY C 68 -39.89 6.57 -11.68
C GLY C 68 -39.15 5.28 -12.01
N GLU C 69 -39.75 4.12 -11.72
CA GLU C 69 -39.07 2.80 -11.75
C GLU C 69 -38.71 2.42 -13.20
N ASP C 70 -39.35 3.05 -14.19
CA ASP C 70 -39.17 2.73 -15.63
C ASP C 70 -37.84 3.27 -16.16
N LYS C 71 -37.09 4.04 -15.35
CA LYS C 71 -35.69 4.44 -15.66
C LYS C 71 -34.78 4.11 -14.46
N ILE C 72 -35.29 3.36 -13.49
CA ILE C 72 -34.44 2.54 -12.58
C ILE C 72 -34.11 1.25 -13.35
N LYS C 73 -32.82 0.91 -13.42
CA LYS C 73 -32.28 -0.22 -14.22
C LYS C 73 -32.77 -1.56 -13.66
N PHE C 74 -32.79 -1.70 -12.34
CA PHE C 74 -33.24 -2.89 -11.58
C PHE C 74 -34.76 -2.97 -11.63
N LYS C 75 -35.28 -3.91 -12.44
CA LYS C 75 -36.74 -4.13 -12.62
C LYS C 75 -37.20 -5.29 -11.73
N HIS C 76 -38.37 -5.17 -11.09
CA HIS C 76 -38.94 -6.22 -10.19
C HIS C 76 -40.43 -6.44 -10.50
N ILE C 77 -40.96 -7.65 -10.28
CA ILE C 77 -42.41 -7.93 -10.57
C ILE C 77 -43.42 -7.28 -9.58
N THR C 78 -43.18 -7.32 -8.27
CA THR C 78 -44.20 -6.74 -7.33
C THR C 78 -43.61 -5.68 -6.40
N PRO C 79 -44.27 -4.51 -6.25
CA PRO C 79 -43.77 -3.42 -5.40
C PRO C 79 -43.48 -3.88 -3.96
N LYS C 85 -36.27 -1.36 4.10
CA LYS C 85 -36.55 -2.78 4.44
C LYS C 85 -35.94 -3.65 3.33
N GLU C 86 -36.76 -4.50 2.69
CA GLU C 86 -36.47 -5.17 1.40
C GLU C 86 -36.42 -4.10 0.30
N VAL C 87 -37.09 -2.96 0.48
CA VAL C 87 -37.08 -1.82 -0.49
C VAL C 87 -35.69 -1.13 -0.50
N ALA C 88 -35.06 -0.87 0.65
CA ALA C 88 -33.72 -0.23 0.72
C ALA C 88 -32.71 -1.12 0.00
N ILE C 89 -32.73 -2.43 0.28
CA ILE C 89 -31.86 -3.42 -0.41
C ILE C 89 -32.02 -3.26 -1.93
N ARG C 90 -33.25 -3.06 -2.41
CA ARG C 90 -33.59 -3.05 -3.85
C ARG C 90 -32.96 -1.81 -4.48
N ILE C 91 -33.13 -0.66 -3.82
CA ILE C 91 -32.53 0.63 -4.26
C ILE C 91 -31.01 0.47 -4.34
N PHE C 92 -30.36 -0.05 -3.30
CA PHE C 92 -28.88 -0.14 -3.21
C PHE C 92 -28.42 -1.16 -4.26
N GLN C 93 -29.14 -2.28 -4.43
CA GLN C 93 -28.82 -3.31 -5.48
C GLN C 93 -28.86 -2.63 -6.85
N GLY C 94 -29.83 -1.74 -7.07
CA GLY C 94 -30.03 -0.98 -8.32
C GLY C 94 -28.82 -0.18 -8.78
N GLN C 96 -25.84 -1.10 -9.00
CA GLN C 96 -24.82 -1.93 -9.63
C GLN C 96 -24.67 -1.57 -11.10
N PHE C 97 -25.76 -1.24 -11.79
CA PHE C 97 -25.76 -0.88 -13.22
C PHE C 97 -24.86 0.32 -13.44
N ARG C 98 -25.02 1.35 -12.64
CA ARG C 98 -24.20 2.57 -12.80
C ARG C 98 -22.74 2.23 -12.43
N SER C 99 -22.49 1.54 -11.35
CA SER C 99 -21.09 1.19 -10.99
C SER C 99 -20.41 0.39 -12.13
N VAL C 100 -21.12 -0.52 -12.82
CA VAL C 100 -20.51 -1.34 -13.92
C VAL C 100 -20.14 -0.45 -15.11
N GLU C 101 -21.03 0.45 -15.54
CA GLU C 101 -20.71 1.51 -16.55
C GLU C 101 -19.50 2.33 -16.08
N ALA C 102 -19.48 2.74 -14.82
CA ALA C 102 -18.42 3.64 -14.26
C ALA C 102 -17.07 2.93 -14.34
N VAL C 103 -17.04 1.64 -14.03
CA VAL C 103 -15.76 0.89 -13.99
C VAL C 103 -15.23 0.88 -15.43
N GLN C 104 -16.09 0.74 -16.44
CA GLN C 104 -15.68 0.70 -17.89
C GLN C 104 -15.16 2.06 -18.31
N GLU C 105 -15.84 3.15 -17.93
CA GLU C 105 -15.44 4.54 -18.25
C GLU C 105 -14.06 4.82 -17.63
N ILE C 106 -13.90 4.46 -16.34
CA ILE C 106 -12.66 4.74 -15.57
C ILE C 106 -11.53 3.95 -16.20
N THR C 107 -11.80 2.68 -16.57
CA THR C 107 -10.78 1.82 -17.23
C THR C 107 -10.32 2.49 -18.54
N GLU C 108 -11.23 3.00 -19.37
CA GLU C 108 -10.86 3.71 -20.63
CA GLU C 108 -10.84 3.70 -20.62
C GLU C 108 -10.00 4.94 -20.27
N TYR C 109 -10.38 5.70 -19.24
CA TYR C 109 -9.62 6.89 -18.81
C TYR C 109 -8.21 6.50 -18.35
N ALA C 110 -8.13 5.48 -17.49
CA ALA C 110 -6.84 5.03 -16.95
C ALA C 110 -5.88 4.69 -18.11
N LYS C 111 -6.36 4.00 -19.13
CA LYS C 111 -5.54 3.58 -20.31
C LYS C 111 -5.02 4.81 -21.09
N SER C 112 -5.63 5.96 -20.92
CA SER C 112 -5.19 7.19 -21.63
C SER C 112 -4.12 7.95 -20.81
N ILE C 113 -3.85 7.57 -19.55
CA ILE C 113 -2.79 8.23 -18.74
C ILE C 113 -1.43 7.76 -19.25
N PRO C 114 -0.52 8.66 -19.73
CA PRO C 114 0.78 8.24 -20.25
C PRO C 114 1.53 7.40 -19.21
N GLY C 115 2.00 6.23 -19.63
CA GLY C 115 2.71 5.28 -18.76
C GLY C 115 1.82 4.15 -18.29
N PHE C 116 0.52 4.37 -18.13
CA PHE C 116 -0.40 3.42 -17.49
C PHE C 116 -0.38 2.05 -18.21
N VAL C 117 -0.52 2.01 -19.53
CA VAL C 117 -0.65 0.70 -20.24
C VAL C 117 0.69 -0.06 -20.29
N ASN C 118 1.80 0.61 -19.99
CA ASN C 118 3.15 -0.03 -19.92
C ASN C 118 3.44 -0.62 -18.54
N LEU C 119 2.62 -0.35 -17.53
CA LEU C 119 2.80 -0.95 -16.19
C LEU C 119 2.57 -2.45 -16.31
N ASP C 120 3.16 -3.26 -15.44
CA ASP C 120 2.75 -4.68 -15.23
C ASP C 120 1.22 -4.77 -15.34
N LEU C 121 0.67 -5.72 -16.09
CA LEU C 121 -0.82 -5.82 -16.26
C LEU C 121 -1.50 -6.13 -14.90
N ASN C 122 -0.88 -6.90 -14.03
CA ASN C 122 -1.47 -7.23 -12.70
C ASN C 122 -1.53 -5.95 -11.84
N ASP C 123 -0.53 -5.06 -11.95
CA ASP C 123 -0.54 -3.78 -11.23
C ASP C 123 -1.65 -2.90 -11.84
N GLN C 124 -1.93 -2.95 -13.14
CA GLN C 124 -3.04 -2.14 -13.71
C GLN C 124 -4.37 -2.56 -13.05
N VAL C 125 -4.61 -3.88 -12.98
CA VAL C 125 -5.85 -4.47 -12.41
C VAL C 125 -5.94 -3.98 -10.95
N THR C 126 -4.85 -4.07 -10.19
CA THR C 126 -4.82 -3.66 -8.75
C THR C 126 -5.18 -2.17 -8.63
N LEU C 127 -4.52 -1.31 -9.41
CA LEU C 127 -4.86 0.15 -9.41
C LEU C 127 -6.35 0.35 -9.75
N LEU C 128 -6.90 -0.38 -10.72
CA LEU C 128 -8.36 -0.25 -11.01
C LEU C 128 -9.16 -0.78 -9.83
N LYS C 129 -8.81 -1.96 -9.32
CA LYS C 129 -9.57 -2.62 -8.25
C LYS C 129 -9.74 -1.66 -7.04
N TYR C 130 -8.65 -1.03 -6.60
CA TYR C 130 -8.62 -0.27 -5.33
C TYR C 130 -8.93 1.19 -5.60
N GLY C 131 -8.95 1.61 -6.88
CA GLY C 131 -9.18 3.00 -7.27
C GLY C 131 -10.63 3.32 -7.67
N VAL C 132 -11.39 2.36 -8.21
CA VAL C 132 -12.66 2.71 -8.91
C VAL C 132 -13.70 3.34 -7.96
N HIS C 133 -13.86 2.85 -6.72
CA HIS C 133 -14.91 3.40 -5.81
C HIS C 133 -14.55 4.84 -5.43
N GLU C 134 -13.28 5.14 -5.19
CA GLU C 134 -12.85 6.52 -4.85
C GLU C 134 -13.28 7.45 -6.00
N ILE C 135 -13.10 7.01 -7.25
CA ILE C 135 -13.44 7.84 -8.44
C ILE C 135 -14.95 7.95 -8.52
N ILE C 136 -15.68 6.87 -8.29
CA ILE C 136 -17.16 6.89 -8.40
C ILE C 136 -17.68 7.93 -7.39
N TYR C 137 -17.20 7.92 -6.13
CA TYR C 137 -17.65 8.91 -5.11
C TYR C 137 -17.20 10.34 -5.45
N THR C 138 -16.06 10.47 -6.14
CA THR C 138 -15.56 11.78 -6.60
C THR C 138 -16.59 12.33 -7.60
N MET C 139 -16.97 11.52 -8.58
CA MET C 139 -17.86 11.95 -9.70
C MET C 139 -19.29 12.07 -9.17
N LEU C 140 -19.63 11.28 -8.14
CA LEU C 140 -20.97 11.38 -7.48
C LEU C 140 -21.13 12.77 -6.82
N ALA C 141 -20.05 13.41 -6.32
CA ALA C 141 -20.15 14.77 -5.72
C ALA C 141 -20.69 15.71 -6.79
N SER C 142 -20.24 15.54 -8.04
CA SER C 142 -20.63 16.41 -9.18
C SER C 142 -22.12 16.25 -9.51
N LEU C 143 -22.74 15.11 -9.13
CA LEU C 143 -24.17 14.83 -9.38
C LEU C 143 -25.01 15.21 -8.14
N MET C 144 -24.37 15.68 -7.06
CA MET C 144 -25.04 15.99 -5.77
C MET C 144 -25.09 17.51 -5.52
N ASN C 145 -26.16 17.94 -4.87
CA ASN C 145 -26.32 19.22 -4.15
C ASN C 145 -26.83 18.87 -2.76
N LYS C 146 -27.16 19.87 -1.93
CA LYS C 146 -27.60 19.67 -0.53
C LYS C 146 -28.96 18.95 -0.50
N ASP C 147 -29.73 18.96 -1.60
CA ASP C 147 -31.12 18.44 -1.69
C ASP C 147 -31.20 16.98 -2.17
N GLY C 148 -30.22 16.46 -2.90
CA GLY C 148 -30.28 15.08 -3.43
C GLY C 148 -29.26 14.82 -4.52
N VAL C 149 -29.46 13.78 -5.31
CA VAL C 149 -28.42 13.23 -6.22
C VAL C 149 -29.03 12.85 -7.56
N LEU C 150 -28.40 13.28 -8.66
CA LEU C 150 -28.80 12.90 -10.03
C LEU C 150 -28.54 11.39 -10.22
N ILE C 151 -29.53 10.67 -10.71
CA ILE C 151 -29.47 9.21 -11.01
C ILE C 151 -29.92 9.02 -12.45
N SER C 152 -29.81 7.78 -12.95
CA SER C 152 -30.27 7.33 -14.29
C SER C 152 -29.72 8.27 -15.36
N GLU C 153 -28.40 8.53 -15.30
CA GLU C 153 -27.62 9.30 -16.31
C GLU C 153 -28.17 10.73 -16.40
N GLY C 154 -28.73 11.25 -15.30
CA GLY C 154 -29.16 12.65 -15.16
C GLY C 154 -30.66 12.81 -15.28
N GLN C 155 -31.38 11.71 -15.52
CA GLN C 155 -32.82 11.74 -15.84
C GLN C 155 -33.66 11.71 -14.56
N GLY C 156 -33.05 11.24 -13.47
CA GLY C 156 -33.71 11.17 -12.15
C GLY C 156 -32.98 12.04 -11.14
N PHE C 157 -33.68 12.40 -10.07
CA PHE C 157 -33.16 13.07 -8.85
C PHE C 157 -33.80 12.36 -7.65
N MET C 158 -33.01 11.63 -6.87
CA MET C 158 -33.40 11.09 -5.54
C MET C 158 -33.09 12.18 -4.53
N THR C 159 -34.08 12.63 -3.77
CA THR C 159 -33.90 13.62 -2.68
C THR C 159 -33.07 12.96 -1.57
N ARG C 160 -32.24 13.76 -0.89
CA ARG C 160 -31.43 13.39 0.31
C ARG C 160 -32.39 12.87 1.40
N GLU C 161 -33.51 13.58 1.49
CA GLU C 161 -34.62 13.32 2.42
C GLU C 161 -35.10 11.88 2.29
N PHE C 162 -35.41 11.45 1.06
CA PHE C 162 -35.99 10.10 0.79
C PHE C 162 -34.96 9.04 1.18
N LEU C 163 -33.69 9.27 0.81
CA LEU C 163 -32.56 8.37 1.16
C LEU C 163 -32.44 8.26 2.69
N LYS C 164 -32.59 9.37 3.40
CA LYS C 164 -32.38 9.44 4.87
C LYS C 164 -33.51 8.71 5.61
N SER C 165 -34.63 8.40 4.91
CA SER C 165 -35.85 7.78 5.48
C SER C 165 -35.90 6.26 5.28
N LEU C 166 -34.84 5.62 4.79
CA LEU C 166 -34.80 4.14 4.55
C LEU C 166 -34.44 3.43 5.86
N ARG C 167 -34.82 2.16 6.02
CA ARG C 167 -34.54 1.39 7.25
C ARG C 167 -33.03 1.46 7.50
N LYS C 168 -32.63 1.34 8.76
CA LYS C 168 -31.22 1.32 9.18
C LYS C 168 -30.66 -0.07 8.81
N PRO C 169 -29.37 -0.20 8.47
CA PRO C 169 -28.42 0.92 8.51
C PRO C 169 -28.46 1.87 7.31
N PHE C 170 -29.43 1.70 6.40
CA PHE C 170 -29.43 2.31 5.06
C PHE C 170 -29.70 3.81 5.19
N GLY C 171 -30.64 4.18 6.08
CA GLY C 171 -31.07 5.59 6.31
C GLY C 171 -29.95 6.55 6.71
N ASP C 172 -28.91 6.08 7.42
CA ASP C 172 -27.76 6.90 7.88
C ASP C 172 -26.59 6.84 6.88
N PHE C 173 -26.71 6.09 5.79
CA PHE C 173 -25.52 5.79 4.98
C PHE C 173 -25.08 6.99 4.12
N MET C 174 -26.00 7.58 3.35
CA MET C 174 -25.67 8.59 2.31
C MET C 174 -25.43 9.95 2.95
N GLU C 175 -25.98 10.20 4.16
CA GLU C 175 -25.87 11.51 4.84
C GLU C 175 -24.44 12.03 4.81
N PRO C 176 -23.44 11.31 5.35
CA PRO C 176 -22.06 11.74 5.27
C PRO C 176 -21.52 11.81 3.84
N LYS C 177 -22.19 11.16 2.87
CA LYS C 177 -21.76 11.28 1.44
C LYS C 177 -22.18 12.67 0.96
N PHE C 178 -23.40 13.10 1.30
CA PHE C 178 -23.91 14.45 0.96
C PHE C 178 -23.01 15.52 1.63
N GLU C 179 -22.64 15.32 2.89
CA GLU C 179 -21.78 16.28 3.65
C GLU C 179 -20.43 16.40 2.93
N PHE C 180 -19.85 15.27 2.50
CA PHE C 180 -18.57 15.27 1.76
C PHE C 180 -18.75 16.08 0.45
N ALA C 181 -19.87 15.84 -0.24
CA ALA C 181 -20.16 16.42 -1.58
C ALA C 181 -20.24 17.95 -1.47
N VAL C 182 -21.05 18.46 -0.53
CA VAL C 182 -21.24 19.93 -0.31
C VAL C 182 -19.87 20.61 -0.12
N LYS C 183 -19.01 20.02 0.71
CA LYS C 183 -17.66 20.53 1.03
C LYS C 183 -16.78 20.41 -0.21
N PHE C 184 -16.91 19.32 -0.97
CA PHE C 184 -16.07 19.12 -2.18
C PHE C 184 -16.48 20.14 -3.23
N ASN C 185 -17.79 20.30 -3.47
CA ASN C 185 -18.38 21.22 -4.47
C ASN C 185 -17.98 22.67 -4.12
N ALA C 186 -17.89 23.03 -2.84
CA ALA C 186 -17.46 24.37 -2.37
C ALA C 186 -16.03 24.72 -2.82
N LEU C 187 -15.23 23.73 -3.26
CA LEU C 187 -13.86 23.97 -3.80
C LEU C 187 -13.95 24.47 -5.25
N GLU C 188 -15.13 24.28 -5.87
CA GLU C 188 -15.49 24.86 -7.19
C GLU C 188 -14.55 24.29 -8.25
N LEU C 189 -14.18 23.01 -8.17
CA LEU C 189 -13.34 22.40 -9.23
C LEU C 189 -14.15 22.36 -10.53
N ASP C 190 -13.47 22.39 -11.67
CA ASP C 190 -14.10 22.16 -12.99
C ASP C 190 -13.54 20.85 -13.54
N ASP C 191 -14.02 20.47 -14.72
CA ASP C 191 -13.72 19.17 -15.37
C ASP C 191 -12.21 19.09 -15.62
N SER C 192 -11.55 20.22 -15.98
CA SER C 192 -10.08 20.26 -16.20
CA SER C 192 -10.08 20.24 -16.21
C SER C 192 -9.35 19.91 -14.90
N ASP C 193 -9.84 20.42 -13.77
CA ASP C 193 -9.23 20.11 -12.45
C ASP C 193 -9.46 18.63 -12.10
N LEU C 194 -10.71 18.18 -12.26
CA LEU C 194 -11.13 16.80 -11.91
C LEU C 194 -10.37 15.75 -12.71
N ALA C 195 -10.11 15.96 -14.00
CA ALA C 195 -9.35 15.01 -14.85
C ALA C 195 -8.00 14.68 -14.19
N ILE C 196 -7.25 15.69 -13.73
CA ILE C 196 -5.90 15.47 -13.15
C ILE C 196 -6.06 14.83 -11.78
N PHE C 197 -7.02 15.32 -10.99
CA PHE C 197 -7.29 14.77 -9.64
C PHE C 197 -7.56 13.26 -9.74
N ILE C 198 -8.42 12.87 -10.66
CA ILE C 198 -8.78 11.43 -10.84
C ILE C 198 -7.54 10.66 -11.33
N ALA C 199 -6.73 11.21 -12.22
CA ALA C 199 -5.46 10.57 -12.66
C ALA C 199 -4.53 10.29 -11.45
N VAL C 200 -4.32 11.30 -10.58
CA VAL C 200 -3.53 11.14 -9.33
C VAL C 200 -4.05 9.99 -8.47
N ILE C 201 -5.36 9.93 -8.21
CA ILE C 201 -5.96 8.83 -7.39
C ILE C 201 -5.72 7.46 -8.04
N ILE C 202 -5.94 7.32 -9.34
CA ILE C 202 -5.71 6.00 -10.01
C ILE C 202 -4.26 5.57 -9.77
N LEU C 203 -3.30 6.48 -9.84
CA LEU C 203 -1.85 6.15 -9.82
C LEU C 203 -1.34 6.18 -8.37
N SER C 204 -2.09 5.55 -7.45
CA SER C 204 -1.74 5.45 -6.00
C SER C 204 -0.78 4.27 -5.76
N GLY C 205 0.43 4.53 -5.31
CA GLY C 205 1.47 3.50 -5.12
C GLY C 205 1.32 2.65 -3.87
N ASP C 206 0.35 2.91 -2.99
CA ASP C 206 0.13 2.16 -1.74
C ASP C 206 -1.04 1.15 -1.86
N ARG C 207 -1.59 0.89 -3.04
CA ARG C 207 -2.65 -0.16 -3.11
C ARG C 207 -2.03 -1.49 -2.71
N PRO C 208 -2.80 -2.33 -1.98
CA PRO C 208 -2.35 -3.64 -1.54
C PRO C 208 -1.94 -4.51 -2.74
N GLY C 209 -0.79 -5.14 -2.66
CA GLY C 209 -0.39 -6.20 -3.59
C GLY C 209 0.26 -5.66 -4.87
N LEU C 210 0.54 -4.36 -4.98
CA LEU C 210 1.32 -3.83 -6.15
C LEU C 210 2.71 -4.46 -6.13
N LEU C 211 3.17 -4.90 -7.30
CA LEU C 211 4.42 -5.65 -7.49
C LEU C 211 5.57 -4.69 -7.75
N ASN C 212 5.31 -3.57 -8.45
CA ASN C 212 6.39 -2.61 -8.86
CA ASN C 212 6.34 -2.60 -8.98
C ASN C 212 5.91 -1.18 -8.58
N VAL C 213 6.21 -0.71 -7.37
CA VAL C 213 5.60 0.55 -6.87
C VAL C 213 6.29 1.78 -7.49
N LYS C 214 7.59 1.72 -7.71
CA LYS C 214 8.39 2.88 -8.16
C LYS C 214 7.78 3.49 -9.44
N PRO C 215 7.54 2.72 -10.53
CA PRO C 215 7.04 3.33 -11.77
C PRO C 215 5.70 4.02 -11.57
N ILE C 216 4.88 3.49 -10.68
CA ILE C 216 3.56 4.05 -10.34
C ILE C 216 3.81 5.41 -9.65
N GLU C 217 4.63 5.46 -8.60
CA GLU C 217 4.92 6.73 -7.90
C GLU C 217 5.55 7.75 -8.88
N ASP C 218 6.37 7.32 -9.83
CA ASP C 218 6.98 8.28 -10.75
C ASP C 218 5.89 8.93 -11.62
N ILE C 219 4.97 8.17 -12.20
CA ILE C 219 3.83 8.76 -12.96
C ILE C 219 2.99 9.65 -12.04
N GLN C 220 2.68 9.15 -10.84
CA GLN C 220 1.90 9.96 -9.86
C GLN C 220 2.62 11.27 -9.51
N ASP C 221 3.94 11.29 -9.38
CA ASP C 221 4.69 12.52 -8.97
C ASP C 221 4.51 13.59 -10.06
N ASN C 222 4.65 13.17 -11.32
CA ASN C 222 4.45 14.03 -12.50
C ASN C 222 2.98 14.52 -12.57
N LEU C 223 2.00 13.65 -12.34
CA LEU C 223 0.57 14.03 -12.30
C LEU C 223 0.31 15.03 -11.16
N LEU C 224 0.92 14.81 -9.99
CA LEU C 224 0.86 15.75 -8.85
C LEU C 224 1.42 17.12 -9.29
N GLN C 225 2.53 17.17 -10.02
CA GLN C 225 3.09 18.48 -10.46
C GLN C 225 2.14 19.16 -11.46
N ALA C 226 1.51 18.41 -12.33
CA ALA C 226 0.50 18.91 -13.30
C ALA C 226 -0.69 19.47 -12.51
N LEU C 227 -1.07 18.83 -11.40
CA LEU C 227 -2.29 19.21 -10.62
C LEU C 227 -2.01 20.53 -9.92
N GLU C 228 -0.89 20.57 -9.22
CA GLU C 228 -0.41 21.80 -8.54
C GLU C 228 -0.44 22.98 -9.52
N LEU C 229 0.11 22.84 -10.74
CA LEU C 229 0.19 23.95 -11.72
C LEU C 229 -1.25 24.25 -12.20
N GLN C 230 -2.05 23.22 -12.44
CA GLN C 230 -3.46 23.41 -12.88
C GLN C 230 -4.20 24.30 -11.87
N LEU C 231 -4.09 24.00 -10.58
CA LEU C 231 -4.84 24.74 -9.52
C LEU C 231 -4.27 26.15 -9.35
N LYS C 232 -2.96 26.33 -9.49
CA LYS C 232 -2.32 27.69 -9.35
C LYS C 232 -2.87 28.59 -10.47
N LEU C 233 -3.02 28.06 -11.68
CA LEU C 233 -3.38 28.89 -12.87
C LEU C 233 -4.90 29.04 -12.94
N ASN C 234 -5.63 27.99 -12.60
CA ASN C 234 -7.11 27.89 -12.79
C ASN C 234 -7.79 28.48 -11.54
N HIS C 235 -7.11 28.52 -10.40
CA HIS C 235 -7.73 28.96 -9.13
C HIS C 235 -6.76 29.86 -8.42
N PRO C 236 -6.36 31.00 -9.04
CA PRO C 236 -5.23 31.76 -8.53
C PRO C 236 -5.54 32.39 -7.15
N GLU C 237 -6.81 32.58 -6.80
CA GLU C 237 -7.20 33.19 -5.48
C GLU C 237 -7.57 32.11 -4.45
N SER C 238 -7.47 30.83 -4.78
CA SER C 238 -7.92 29.73 -3.89
C SER C 238 -6.72 29.22 -3.09
N SER C 239 -6.54 29.76 -1.90
CA SER C 239 -5.39 29.50 -0.99
C SER C 239 -5.35 28.01 -0.58
N GLN C 240 -4.21 27.37 -0.83
CA GLN C 240 -3.88 25.99 -0.37
C GLN C 240 -4.87 24.99 -0.93
N LEU C 241 -5.36 25.24 -2.16
CA LEU C 241 -6.39 24.37 -2.80
C LEU C 241 -5.76 22.98 -2.99
N PHE C 242 -4.48 22.94 -3.35
CA PHE C 242 -3.74 21.67 -3.58
C PHE C 242 -3.76 20.81 -2.31
N ALA C 243 -3.35 21.38 -1.19
CA ALA C 243 -3.33 20.72 0.14
C ALA C 243 -4.75 20.26 0.46
N LYS C 244 -5.75 21.09 0.18
CA LYS C 244 -7.18 20.72 0.41
C LYS C 244 -7.52 19.50 -0.44
N LEU C 245 -7.07 19.47 -1.71
CA LEU C 245 -7.39 18.33 -2.60
C LEU C 245 -6.68 17.06 -2.11
N LEU C 246 -5.47 17.16 -1.59
CA LEU C 246 -4.76 15.97 -1.04
C LEU C 246 -5.57 15.39 0.11
N GLN C 247 -6.19 16.25 0.94
CA GLN C 247 -6.97 15.80 2.11
C GLN C 247 -8.26 15.08 1.65
N LYS C 248 -8.88 15.55 0.58
CA LYS C 248 -10.09 14.94 0.01
C LYS C 248 -9.77 13.51 -0.39
N MET C 249 -8.56 13.26 -0.88
CA MET C 249 -8.16 11.88 -1.27
C MET C 249 -8.18 10.96 -0.04
N THR C 250 -7.71 11.45 1.10
CA THR C 250 -7.86 10.75 2.41
C THR C 250 -9.34 10.54 2.77
N ASP C 251 -10.20 11.58 2.65
CA ASP C 251 -11.65 11.50 2.98
C ASP C 251 -12.31 10.43 2.08
N LEU C 252 -11.91 10.36 0.81
CA LEU C 252 -12.50 9.41 -0.18
C LEU C 252 -12.19 7.97 0.25
N ARG C 253 -11.03 7.70 0.83
CA ARG C 253 -10.68 6.33 1.28
C ARG C 253 -11.56 5.95 2.47
N GLN C 254 -11.79 6.88 3.40
CA GLN C 254 -12.65 6.58 4.56
C GLN C 254 -14.05 6.29 4.03
N ILE C 255 -14.52 7.07 3.06
CA ILE C 255 -15.86 6.89 2.46
C ILE C 255 -15.95 5.48 1.87
N VAL C 256 -14.91 5.01 1.16
CA VAL C 256 -14.90 3.65 0.57
C VAL C 256 -14.85 2.58 1.66
N THR C 257 -14.07 2.79 2.72
CA THR C 257 -14.07 1.89 3.92
C THR C 257 -15.52 1.72 4.40
N GLU C 258 -16.26 2.82 4.54
CA GLU C 258 -17.67 2.77 5.01
C GLU C 258 -18.54 2.03 3.99
N HIS C 259 -18.37 2.29 2.71
CA HIS C 259 -19.16 1.63 1.62
C HIS C 259 -19.06 0.10 1.78
N VAL C 260 -17.82 -0.39 1.85
CA VAL C 260 -17.49 -1.84 1.97
C VAL C 260 -18.08 -2.37 3.29
N GLN C 261 -18.01 -1.61 4.38
CA GLN C 261 -18.49 -2.08 5.72
C GLN C 261 -20.01 -2.26 5.68
N LEU C 262 -20.74 -1.45 4.93
CA LEU C 262 -22.20 -1.58 4.81
C LEU C 262 -22.54 -2.91 4.09
N LEU C 263 -21.84 -3.23 2.99
CA LEU C 263 -22.14 -4.48 2.24
C LEU C 263 -21.87 -5.70 3.14
N GLN C 264 -20.73 -5.72 3.83
CA GLN C 264 -20.31 -6.74 4.81
C GLN C 264 -21.42 -6.92 5.86
N VAL C 265 -21.87 -5.83 6.47
CA VAL C 265 -22.96 -5.80 7.49
C VAL C 265 -24.22 -6.44 6.89
N ILE C 266 -24.59 -6.14 5.65
CA ILE C 266 -25.91 -6.58 5.11
C ILE C 266 -25.79 -8.06 4.73
N LYS C 267 -24.63 -8.46 4.16
CA LYS C 267 -24.28 -9.86 3.82
C LYS C 267 -24.47 -10.77 5.05
N LYS C 268 -24.37 -10.21 6.28
CA LYS C 268 -24.47 -10.96 7.56
C LYS C 268 -25.86 -11.61 7.71
N THR C 269 -26.91 -10.87 7.33
CA THR C 269 -28.34 -11.28 7.48
C THR C 269 -29.03 -11.35 6.12
N GLU C 270 -28.30 -11.19 5.01
CA GLU C 270 -28.82 -11.32 3.62
C GLU C 270 -27.89 -12.23 2.82
N THR C 271 -28.32 -13.47 2.61
CA THR C 271 -27.53 -14.60 2.01
C THR C 271 -27.47 -14.43 0.49
N ASP C 272 -28.63 -14.32 -0.14
CA ASP C 272 -28.84 -14.51 -1.60
C ASP C 272 -28.89 -13.14 -2.30
N MET C 273 -27.89 -12.29 -2.10
CA MET C 273 -27.84 -10.95 -2.73
C MET C 273 -26.90 -11.02 -3.94
N SER C 274 -27.45 -10.92 -5.14
CA SER C 274 -26.68 -11.05 -6.40
C SER C 274 -25.68 -9.89 -6.50
N LEU C 275 -24.57 -10.17 -7.19
CA LEU C 275 -23.47 -9.23 -7.40
C LEU C 275 -23.00 -9.45 -8.84
N HIS C 276 -23.05 -8.41 -9.67
CA HIS C 276 -22.48 -8.40 -11.06
C HIS C 276 -21.06 -8.95 -11.01
N PRO C 277 -20.69 -9.86 -11.93
CA PRO C 277 -19.39 -10.52 -11.92
C PRO C 277 -18.22 -9.53 -11.85
N LEU C 278 -18.38 -8.37 -12.47
CA LEU C 278 -17.29 -7.36 -12.50
C LEU C 278 -17.13 -6.73 -11.09
N LEU C 279 -18.25 -6.44 -10.43
CA LEU C 279 -18.25 -6.01 -9.01
C LEU C 279 -17.68 -7.13 -8.11
N GLN C 280 -17.99 -8.40 -8.39
CA GLN C 280 -17.44 -9.52 -7.60
C GLN C 280 -15.91 -9.42 -7.60
N GLU C 281 -15.30 -9.06 -8.73
CA GLU C 281 -13.81 -8.98 -8.86
C GLU C 281 -13.31 -7.82 -7.99
N ILE C 282 -13.97 -6.67 -8.09
CA ILE C 282 -13.56 -5.45 -7.36
C ILE C 282 -13.66 -5.68 -5.84
N TYR C 283 -14.68 -6.41 -5.38
CA TYR C 283 -14.94 -6.63 -3.93
C TYR C 283 -14.10 -7.77 -3.36
N LYS C 284 -13.55 -8.64 -4.20
CA LYS C 284 -12.86 -9.83 -3.63
C LYS C 284 -11.72 -9.42 -2.68
N ASP C 285 -11.72 -10.03 -1.49
CA ASP C 285 -10.69 -9.96 -0.41
C ASP C 285 -10.82 -8.71 0.48
N LEU C 286 -11.65 -7.71 0.15
CA LEU C 286 -11.75 -6.53 1.06
C LEU C 286 -12.31 -7.01 2.39
N TYR C 287 -13.38 -7.80 2.26
CA TYR C 287 -14.05 -8.67 3.28
C TYR C 287 -13.64 -8.32 4.72
N GLU D 1 -13.44 -15.64 -12.00
CA GLU D 1 -12.25 -15.51 -11.09
C GLU D 1 -10.99 -15.47 -11.96
N GLU D 2 -10.53 -16.63 -12.45
CA GLU D 2 -9.29 -16.79 -13.26
C GLU D 2 -9.39 -15.87 -14.48
N PRO D 3 -10.54 -15.81 -15.21
CA PRO D 3 -10.68 -14.87 -16.32
C PRO D 3 -11.02 -13.55 -15.63
N SER D 4 -10.02 -12.69 -15.47
CA SER D 4 -10.24 -11.34 -14.91
C SER D 4 -11.06 -10.54 -15.92
N LEU D 5 -12.26 -10.11 -15.53
CA LEU D 5 -13.04 -9.16 -16.35
C LEU D 5 -12.28 -7.83 -16.41
N LEU D 6 -11.56 -7.41 -15.35
CA LEU D 6 -10.77 -6.15 -15.43
C LEU D 6 -9.64 -6.29 -16.48
N LYS D 7 -8.95 -7.43 -16.53
CA LYS D 7 -7.90 -7.64 -17.56
C LYS D 7 -8.51 -7.52 -18.94
N LYS D 8 -9.66 -8.15 -19.17
CA LYS D 8 -10.35 -8.07 -20.47
C LYS D 8 -10.55 -6.59 -20.82
N LEU D 9 -11.01 -5.78 -19.87
CA LEU D 9 -11.31 -4.35 -20.10
C LEU D 9 -9.98 -3.63 -20.38
N LEU D 10 -8.94 -3.99 -19.64
CA LEU D 10 -7.64 -3.29 -19.75
C LEU D 10 -7.04 -3.59 -21.13
N LEU D 11 -7.33 -4.75 -21.71
CA LEU D 11 -6.63 -5.25 -22.93
C LEU D 11 -7.41 -4.85 -24.19
N ALA D 12 -8.57 -4.21 -24.04
CA ALA D 12 -9.51 -3.96 -25.16
C ALA D 12 -9.00 -2.77 -26.00
#